data_4YZP
#
_entry.id   4YZP
#
_cell.length_a   90.700
_cell.length_b   90.700
_cell.length_c   120.630
_cell.angle_alpha   90.000
_cell.angle_beta   90.000
_cell.angle_gamma   90.000
#
_symmetry.space_group_name_H-M   'P 43 21 2'
#
loop_
_entity.id
_entity.type
_entity.pdbx_description
1 polymer 'Cellulose hydrolase'
2 water water
#
_entity_poly.entity_id   1
_entity_poly.type   'polypeptide(L)'
_entity_poly.pdbx_seq_one_letter_code
;GAMVPKASGTSGPAKQEKQSIITPADLLENMSPGWNLGNTLDAVPTEGSWNNPPVREHTFDDIRDAGFKSVRIPVTWDSH
IGSAPEYPIDTDWMNRVEEVTDWALEREFYVVLNIHHDSWLWISRMGNSQQETLDKLGKVWKQIAERFKNKSERLLFEIV
NEPTGMSAYQMNLLNREMLNIIRSTGGKNGQRLVIVGGLEDNKDELLHSFEPPDDDRIVLTYHYYSPWDYVSNWWGRTTW
GSAAEISEMEEDIKPVYEKFVREGYPVIIGEYGTLGANEKHSKWLYHDTFVRLAHKYQMVPMWWDNGNDQFDRAERQWRD
PVVKEIVIQAGRGVPNAIIKPADLFIKKGQSISDQTVDIQLNGNVLTGIYQKSEPLKEGSDYTVDNAGKTVSIKASCLAK
LLNGAGQPGVKAQLTFTFHKGASQVMDIILYDDPKLEKSEFTISQSAISGDLKIPASLNGTKLATVKGVVDSTGRPVLEE
VWSWTPYLNYDEDFYEKDGDLYLKERVLKYLKSDSTFTFELWPKGVEAVVKVKITP
;
_entity_poly.pdbx_strand_id   A
#
# COMPACT_ATOMS: atom_id res chain seq x y z
N THR A 23 -9.71 -25.26 -5.30
CA THR A 23 -8.28 -25.22 -5.61
C THR A 23 -7.73 -23.80 -5.47
N PRO A 24 -6.40 -23.68 -5.35
CA PRO A 24 -5.83 -22.32 -5.37
C PRO A 24 -6.20 -21.55 -6.64
N ALA A 25 -6.27 -22.24 -7.77
CA ALA A 25 -6.61 -21.59 -9.03
C ALA A 25 -8.03 -21.02 -8.96
N ASP A 26 -8.92 -21.75 -8.31
CA ASP A 26 -10.30 -21.32 -8.13
C ASP A 26 -10.39 -20.07 -7.27
N LEU A 27 -9.64 -20.05 -6.18
CA LEU A 27 -9.66 -18.89 -5.30
C LEU A 27 -9.12 -17.66 -6.03
N LEU A 28 -8.09 -17.86 -6.84
CA LEU A 28 -7.50 -16.76 -7.61
C LEU A 28 -8.52 -16.19 -8.59
N GLU A 29 -9.17 -17.06 -9.34
CA GLU A 29 -10.17 -16.65 -10.35
C GLU A 29 -11.29 -15.84 -9.74
N ASN A 30 -11.67 -16.28 -8.57
CA ASN A 30 -12.78 -15.68 -7.82
C ASN A 30 -12.51 -14.43 -6.96
N MET A 31 -11.28 -14.26 -6.51
CA MET A 31 -10.96 -13.19 -5.57
C MET A 31 -9.98 -12.19 -6.08
N SER A 32 -9.14 -12.53 -7.06
CA SER A 32 -8.10 -11.57 -7.47
C SER A 32 -8.64 -10.54 -8.47
N PRO A 33 -8.40 -9.25 -8.22
CA PRO A 33 -7.64 -8.62 -7.11
C PRO A 33 -8.56 -8.14 -5.97
N GLY A 34 -8.00 -7.99 -4.78
CA GLY A 34 -8.76 -7.43 -3.67
C GLY A 34 -8.27 -6.07 -3.16
N TRP A 35 -9.03 -5.52 -2.23
CA TRP A 35 -8.77 -4.19 -1.67
C TRP A 35 -9.20 -4.20 -0.22
N ASN A 36 -8.42 -3.51 0.62
CA ASN A 36 -8.69 -3.42 2.06
C ASN A 36 -9.47 -2.17 2.43
N LEU A 37 -10.52 -2.33 3.22
CA LEU A 37 -11.19 -1.17 3.84
C LEU A 37 -10.41 -0.76 5.10
N GLY A 38 -9.23 -0.17 4.91
CA GLY A 38 -8.34 0.08 6.05
C GLY A 38 -8.74 1.25 6.93
N ASN A 39 -8.28 1.21 8.19
CA ASN A 39 -8.49 2.31 9.15
C ASN A 39 -9.95 2.75 9.27
N THR A 40 -10.85 1.76 9.27
CA THR A 40 -12.27 2.04 9.36
C THR A 40 -12.86 1.26 10.54
N LEU A 41 -13.34 0.03 10.33
CA LEU A 41 -13.85 -0.77 11.45
CA LEU A 41 -13.85 -0.74 11.47
C LEU A 41 -12.70 -1.25 12.33
N ASP A 42 -11.48 -1.13 11.81
CA ASP A 42 -10.28 -1.49 12.57
C ASP A 42 -9.74 -0.33 13.42
N ALA A 43 -10.31 0.86 13.27
CA ALA A 43 -9.85 2.01 14.02
C ALA A 43 -10.09 1.86 15.53
N VAL A 44 -9.33 2.63 16.31
CA VAL A 44 -9.28 2.52 17.76
C VAL A 44 -9.51 3.88 18.39
N PRO A 45 -10.48 4.00 19.33
CA PRO A 45 -11.27 2.90 19.91
C PRO A 45 -12.44 2.40 19.07
N THR A 46 -12.89 3.15 18.07
CA THR A 46 -14.03 2.67 17.30
C THR A 46 -14.02 3.16 15.87
N GLU A 47 -15.00 2.70 15.08
CA GLU A 47 -15.08 3.09 13.69
C GLU A 47 -15.21 4.62 13.58
N GLY A 48 -14.31 5.23 12.81
CA GLY A 48 -14.32 6.68 12.67
C GLY A 48 -13.35 7.41 13.59
N SER A 49 -12.66 6.67 14.45
CA SER A 49 -11.72 7.29 15.38
C SER A 49 -10.46 7.78 14.67
N TRP A 50 -10.17 7.22 13.51
CA TRP A 50 -8.97 7.60 12.78
C TRP A 50 -9.32 8.49 11.59
N ASN A 51 -8.67 8.27 10.45
CA ASN A 51 -8.72 9.23 9.36
C ASN A 51 -9.91 9.05 8.43
N ASN A 52 -10.63 7.95 8.60
CA ASN A 52 -11.86 7.77 7.84
C ASN A 52 -13.09 7.93 8.70
N PRO A 53 -14.16 8.53 8.14
CA PRO A 53 -15.45 8.46 8.81
C PRO A 53 -16.05 7.06 8.66
N PRO A 54 -17.11 6.76 9.43
CA PRO A 54 -17.77 5.46 9.25
C PRO A 54 -18.14 5.25 7.79
N VAL A 55 -17.94 4.03 7.31
CA VAL A 55 -18.03 3.80 5.88
C VAL A 55 -19.49 3.94 5.42
N ARG A 56 -19.65 4.54 4.25
CA ARG A 56 -20.96 4.69 3.62
C ARG A 56 -21.16 3.56 2.61
N GLU A 57 -22.41 3.14 2.46
CA GLU A 57 -22.71 2.02 1.56
C GLU A 57 -22.15 2.24 0.16
N HIS A 58 -22.19 3.49 -0.33
CA HIS A 58 -21.84 3.73 -1.73
C HIS A 58 -20.36 3.51 -2.01
N THR A 59 -19.52 3.50 -0.96
CA THR A 59 -18.11 3.20 -1.15
C THR A 59 -17.93 1.81 -1.77
N PHE A 60 -18.79 0.86 -1.41
CA PHE A 60 -18.68 -0.48 -1.97
C PHE A 60 -19.10 -0.50 -3.45
N ASP A 61 -20.05 0.36 -3.81
CA ASP A 61 -20.36 0.54 -5.22
C ASP A 61 -19.14 1.07 -5.98
N ASP A 62 -18.42 2.02 -5.39
CA ASP A 62 -17.22 2.58 -6.03
C ASP A 62 -16.12 1.53 -6.22
N ILE A 63 -15.94 0.65 -5.23
CA ILE A 63 -14.88 -0.35 -5.30
C ILE A 63 -15.24 -1.41 -6.35
N ARG A 64 -16.51 -1.74 -6.42
CA ARG A 64 -17.00 -2.63 -7.47
C ARG A 64 -16.83 -2.03 -8.86
N ASP A 65 -17.11 -0.72 -9.00
CA ASP A 65 -16.91 -0.03 -10.28
C ASP A 65 -15.47 -0.17 -10.76
N ALA A 66 -14.54 -0.14 -9.80
CA ALA A 66 -13.11 -0.25 -10.09
C ALA A 66 -12.70 -1.61 -10.65
N GLY A 67 -13.38 -2.66 -10.21
CA GLY A 67 -13.11 -4.00 -10.71
C GLY A 67 -12.44 -4.93 -9.72
N PHE A 68 -12.46 -4.57 -8.44
CA PHE A 68 -11.95 -5.50 -7.44
C PHE A 68 -12.94 -6.62 -7.24
N LYS A 69 -12.44 -7.84 -7.10
CA LYS A 69 -13.31 -9.00 -6.99
C LYS A 69 -13.54 -9.33 -5.52
N SER A 70 -12.65 -8.84 -4.65
CA SER A 70 -12.76 -9.14 -3.24
C SER A 70 -12.43 -7.93 -2.37
N VAL A 71 -12.99 -7.91 -1.16
CA VAL A 71 -12.67 -6.88 -0.19
CA VAL A 71 -12.62 -6.88 -0.20
C VAL A 71 -12.30 -7.50 1.15
N ARG A 72 -11.28 -6.96 1.79
CA ARG A 72 -10.92 -7.35 3.13
C ARG A 72 -11.44 -6.28 4.07
N ILE A 73 -12.19 -6.70 5.08
CA ILE A 73 -12.76 -5.80 6.07
C ILE A 73 -12.10 -6.04 7.45
N PRO A 74 -11.00 -5.35 7.72
CA PRO A 74 -10.38 -5.47 9.04
C PRO A 74 -11.30 -4.91 10.11
N VAL A 75 -11.48 -5.66 11.19
CA VAL A 75 -12.32 -5.20 12.29
C VAL A 75 -11.57 -5.34 13.59
N THR A 76 -11.52 -4.25 14.38
CA THR A 76 -10.94 -4.30 15.72
C THR A 76 -12.09 -4.37 16.73
N TRP A 77 -12.10 -5.43 17.53
CA TRP A 77 -13.25 -5.75 18.36
C TRP A 77 -13.08 -5.20 19.76
N ASP A 78 -11.82 -5.05 20.18
CA ASP A 78 -11.39 -4.66 21.52
C ASP A 78 -12.39 -3.88 22.38
N SER A 79 -12.64 -2.62 22.02
CA SER A 79 -13.45 -1.75 22.88
CA SER A 79 -13.45 -1.73 22.85
C SER A 79 -14.92 -2.17 22.95
N HIS A 80 -15.35 -3.02 22.04
CA HIS A 80 -16.73 -3.49 21.98
C HIS A 80 -16.95 -4.84 22.64
N ILE A 81 -15.90 -5.36 23.27
CA ILE A 81 -15.98 -6.64 23.97
C ILE A 81 -16.26 -6.43 25.46
N GLY A 82 -17.29 -7.10 25.97
CA GLY A 82 -17.67 -6.94 27.37
C GLY A 82 -16.76 -7.67 28.34
N SER A 83 -17.20 -7.74 29.59
CA SER A 83 -16.37 -8.28 30.67
C SER A 83 -16.32 -9.79 30.67
N ALA A 84 -15.30 -10.34 31.30
CA ALA A 84 -15.26 -11.75 31.63
C ALA A 84 -16.50 -12.06 32.48
N PRO A 85 -16.97 -13.33 32.47
CA PRO A 85 -16.39 -14.50 31.79
C PRO A 85 -16.88 -14.74 30.36
N GLU A 86 -17.96 -14.09 29.93
CA GLU A 86 -18.55 -14.44 28.63
C GLU A 86 -18.11 -13.49 27.52
N TYR A 87 -17.53 -12.36 27.91
CA TYR A 87 -17.02 -11.38 26.95
C TYR A 87 -18.03 -11.03 25.83
N PRO A 88 -19.25 -10.64 26.21
CA PRO A 88 -20.27 -10.39 25.20
C PRO A 88 -19.91 -9.19 24.33
N ILE A 89 -19.99 -9.37 23.02
CA ILE A 89 -19.75 -8.27 22.09
C ILE A 89 -20.98 -7.36 22.03
N ASP A 90 -20.72 -6.05 22.14
CA ASP A 90 -21.76 -5.03 22.08
CA ASP A 90 -21.78 -5.04 22.09
C ASP A 90 -22.71 -5.27 20.90
N THR A 91 -24.00 -5.31 21.17
CA THR A 91 -24.97 -5.66 20.13
C THR A 91 -24.98 -4.65 18.98
N ASP A 92 -24.87 -3.37 19.30
CA ASP A 92 -24.82 -2.36 18.26
C ASP A 92 -23.57 -2.53 17.39
N TRP A 93 -22.46 -2.99 17.98
CA TRP A 93 -21.25 -3.16 17.18
C TRP A 93 -21.39 -4.36 16.26
N MET A 94 -21.87 -5.48 16.80
CA MET A 94 -22.08 -6.66 15.98
C MET A 94 -23.03 -6.35 14.83
N ASN A 95 -24.11 -5.61 15.09
CA ASN A 95 -25.02 -5.23 14.03
C ASN A 95 -24.34 -4.38 12.97
N ARG A 96 -23.47 -3.47 13.39
CA ARG A 96 -22.75 -2.60 12.46
C ARG A 96 -21.80 -3.41 11.57
N VAL A 97 -21.05 -4.31 12.17
CA VAL A 97 -20.14 -5.16 11.42
C VAL A 97 -20.92 -6.01 10.41
N GLU A 98 -22.07 -6.54 10.82
CA GLU A 98 -22.91 -7.30 9.90
C GLU A 98 -23.46 -6.41 8.77
N GLU A 99 -23.87 -5.18 9.12
CA GLU A 99 -24.37 -4.25 8.12
C GLU A 99 -23.33 -4.01 7.01
N VAL A 100 -22.10 -3.68 7.39
CA VAL A 100 -21.05 -3.40 6.43
C VAL A 100 -20.67 -4.66 5.64
N THR A 101 -20.52 -5.78 6.34
CA THR A 101 -20.22 -7.05 5.69
C THR A 101 -21.31 -7.42 4.68
N ASP A 102 -22.57 -7.24 5.06
CA ASP A 102 -23.67 -7.50 4.13
C ASP A 102 -23.64 -6.58 2.91
N TRP A 103 -23.26 -5.31 3.09
CA TRP A 103 -23.16 -4.39 1.95
C TRP A 103 -22.16 -4.95 0.94
N ALA A 104 -21.03 -5.42 1.44
CA ALA A 104 -20.01 -5.98 0.57
C ALA A 104 -20.52 -7.24 -0.11
N LEU A 105 -21.15 -8.13 0.67
CA LEU A 105 -21.64 -9.39 0.09
C LEU A 105 -22.72 -9.18 -0.97
N GLU A 106 -23.60 -8.19 -0.76
CA GLU A 106 -24.65 -7.83 -1.74
C GLU A 106 -24.09 -7.40 -3.09
N ARG A 107 -22.85 -6.92 -3.09
CA ARG A 107 -22.20 -6.49 -4.32
C ARG A 107 -21.37 -7.62 -4.93
N GLU A 108 -21.64 -8.84 -4.47
CA GLU A 108 -21.08 -10.08 -4.98
C GLU A 108 -19.57 -10.21 -4.77
N PHE A 109 -19.02 -9.36 -3.90
CA PHE A 109 -17.63 -9.51 -3.46
C PHE A 109 -17.42 -10.83 -2.73
N TYR A 110 -16.22 -11.37 -2.88
CA TYR A 110 -15.68 -12.27 -1.86
C TYR A 110 -15.21 -11.37 -0.76
N VAL A 111 -15.53 -11.71 0.48
CA VAL A 111 -15.27 -10.79 1.58
C VAL A 111 -14.47 -11.49 2.66
N VAL A 112 -13.41 -10.83 3.14
CA VAL A 112 -12.63 -11.37 4.25
C VAL A 112 -12.95 -10.58 5.50
N LEU A 113 -13.44 -11.26 6.53
CA LEU A 113 -13.77 -10.64 7.81
C LEU A 113 -12.76 -11.13 8.82
N ASN A 114 -12.14 -10.23 9.57
CA ASN A 114 -11.13 -10.70 10.51
C ASN A 114 -11.25 -10.14 11.92
N ILE A 115 -10.27 -10.51 12.76
CA ILE A 115 -9.99 -9.85 14.01
C ILE A 115 -8.65 -9.13 13.80
N HIS A 116 -8.61 -7.82 14.02
CA HIS A 116 -7.47 -7.06 13.51
C HIS A 116 -6.54 -6.53 14.59
N HIS A 117 -6.69 -5.28 15.02
CA HIS A 117 -5.71 -4.73 15.96
C HIS A 117 -5.82 -5.29 17.37
N ASP A 118 -6.85 -6.10 17.62
CA ASP A 118 -6.85 -6.93 18.83
C ASP A 118 -5.53 -7.68 19.01
N SER A 119 -4.87 -8.00 17.90
CA SER A 119 -3.61 -8.72 17.92
C SER A 119 -2.63 -8.11 18.91
N TRP A 120 -2.42 -6.79 18.87
CA TRP A 120 -1.46 -6.18 19.80
C TRP A 120 -2.15 -5.47 20.97
N LEU A 121 -3.45 -5.18 20.84
CA LEU A 121 -4.18 -4.58 21.96
C LEU A 121 -4.35 -5.57 23.14
N TRP A 122 -4.63 -6.84 22.87
CA TRP A 122 -4.78 -7.79 23.97
C TRP A 122 -4.41 -9.24 23.65
N ILE A 123 -4.47 -9.65 22.39
CA ILE A 123 -4.17 -11.05 22.08
C ILE A 123 -2.69 -11.39 22.32
N SER A 124 -1.82 -10.38 22.25
CA SER A 124 -0.40 -10.58 22.53
C SER A 124 -0.12 -10.90 24.01
N ARG A 125 -1.13 -10.84 24.87
CA ARG A 125 -0.98 -11.33 26.24
C ARG A 125 -0.94 -12.86 26.27
N MET A 126 -1.08 -13.50 25.11
CA MET A 126 -1.00 -14.95 24.95
C MET A 126 0.29 -15.51 25.55
N GLY A 127 1.40 -14.81 25.34
CA GLY A 127 2.68 -15.29 25.82
C GLY A 127 2.72 -15.43 27.32
N ASN A 128 2.27 -14.37 28.01
CA ASN A 128 2.33 -14.27 29.46
C ASN A 128 1.09 -14.83 30.17
N SER A 129 -0.03 -14.87 29.47
CA SER A 129 -1.27 -15.36 30.07
C SER A 129 -2.10 -16.15 29.05
N GLN A 130 -1.60 -17.32 28.65
CA GLN A 130 -2.25 -18.05 27.57
C GLN A 130 -3.65 -18.52 27.92
N GLN A 131 -3.80 -19.17 29.07
CA GLN A 131 -5.08 -19.78 29.39
C GLN A 131 -6.23 -18.75 29.32
N GLU A 132 -6.02 -17.59 29.93
CA GLU A 132 -7.03 -16.53 29.97
C GLU A 132 -7.25 -15.87 28.61
N THR A 133 -6.16 -15.67 27.88
CA THR A 133 -6.23 -14.98 26.59
C THR A 133 -6.88 -15.88 25.53
N LEU A 134 -6.47 -17.14 25.49
CA LEU A 134 -7.01 -18.07 24.50
C LEU A 134 -8.49 -18.34 24.79
N ASP A 135 -8.85 -18.38 26.06
CA ASP A 135 -10.24 -18.56 26.44
C ASP A 135 -11.10 -17.40 25.96
N LYS A 136 -10.58 -16.19 26.14
CA LYS A 136 -11.25 -14.98 25.68
C LYS A 136 -11.41 -14.95 24.16
N LEU A 137 -10.32 -15.24 23.44
CA LEU A 137 -10.37 -15.21 21.98
C LEU A 137 -11.37 -16.25 21.47
N GLY A 138 -11.43 -17.40 22.13
CA GLY A 138 -12.39 -18.43 21.75
C GLY A 138 -13.83 -17.98 21.92
N LYS A 139 -14.09 -17.23 22.98
CA LYS A 139 -15.44 -16.76 23.24
C LYS A 139 -15.84 -15.68 22.25
N VAL A 140 -14.86 -14.91 21.82
CA VAL A 140 -15.07 -13.89 20.79
C VAL A 140 -15.33 -14.53 19.43
N TRP A 141 -14.46 -15.46 19.01
CA TRP A 141 -14.66 -16.12 17.71
C TRP A 141 -15.96 -16.92 17.68
N LYS A 142 -16.38 -17.51 18.80
CA LYS A 142 -17.64 -18.23 18.81
C LYS A 142 -18.79 -17.27 18.47
N GLN A 143 -18.75 -16.07 19.03
CA GLN A 143 -19.83 -15.12 18.79
C GLN A 143 -19.85 -14.64 17.33
N ILE A 144 -18.66 -14.37 16.79
CA ILE A 144 -18.57 -13.91 15.41
C ILE A 144 -19.05 -15.04 14.49
N ALA A 145 -18.54 -16.25 14.73
CA ALA A 145 -18.92 -17.40 13.92
C ALA A 145 -20.43 -17.64 13.95
N GLU A 146 -21.03 -17.51 15.13
CA GLU A 146 -22.47 -17.77 15.24
C GLU A 146 -23.26 -16.73 14.45
N ARG A 147 -22.89 -15.46 14.58
CA ARG A 147 -23.62 -14.41 13.87
C ARG A 147 -23.53 -14.57 12.36
N PHE A 148 -22.37 -14.98 11.86
CA PHE A 148 -22.14 -15.03 10.40
C PHE A 148 -22.25 -16.44 9.80
N LYS A 149 -22.71 -17.38 10.61
CA LYS A 149 -22.80 -18.78 10.22
C LYS A 149 -23.54 -19.04 8.90
N ASN A 150 -24.58 -18.27 8.62
CA ASN A 150 -25.42 -18.58 7.46
C ASN A 150 -25.16 -17.73 6.22
N LYS A 151 -24.13 -16.89 6.28
CA LYS A 151 -23.77 -16.10 5.12
C LYS A 151 -23.23 -16.99 4.01
N SER A 152 -23.30 -16.44 2.79
CA SER A 152 -22.77 -17.05 1.59
C SER A 152 -21.35 -17.56 1.77
N GLU A 153 -20.99 -18.57 0.98
CA GLU A 153 -19.60 -19.07 0.98
C GLU A 153 -18.62 -18.02 0.47
N ARG A 154 -19.15 -16.90 -0.05
CA ARG A 154 -18.26 -15.81 -0.45
C ARG A 154 -17.67 -15.05 0.75
N LEU A 155 -18.17 -15.34 1.95
CA LEU A 155 -17.58 -14.78 3.17
C LEU A 155 -16.53 -15.71 3.76
N LEU A 156 -15.31 -15.20 3.92
CA LEU A 156 -14.21 -15.94 4.55
C LEU A 156 -13.92 -15.34 5.91
N PHE A 157 -13.50 -16.18 6.86
CA PHE A 157 -13.07 -15.73 8.18
C PHE A 157 -11.56 -15.74 8.24
N GLU A 158 -10.96 -14.64 8.69
CA GLU A 158 -9.52 -14.64 8.97
C GLU A 158 -9.27 -14.58 10.47
N ILE A 159 -8.58 -15.58 11.02
CA ILE A 159 -8.49 -15.75 12.48
C ILE A 159 -7.92 -14.53 13.22
N VAL A 160 -6.78 -14.02 12.77
CA VAL A 160 -6.18 -12.88 13.46
C VAL A 160 -5.16 -12.18 12.55
N ASN A 161 -5.13 -10.86 12.62
CA ASN A 161 -4.19 -10.08 11.83
C ASN A 161 -2.83 -9.97 12.53
N GLU A 162 -1.75 -10.26 11.79
CA GLU A 162 -0.36 -10.09 12.27
C GLU A 162 -0.17 -10.42 13.75
N PRO A 163 -0.46 -11.68 14.12
CA PRO A 163 -0.37 -12.08 15.53
C PRO A 163 1.04 -11.99 16.09
N THR A 164 1.13 -11.54 17.34
CA THR A 164 2.41 -11.36 17.97
C THR A 164 2.37 -11.71 19.47
N GLY A 165 3.54 -11.74 20.09
CA GLY A 165 3.62 -11.94 21.52
C GLY A 165 3.39 -13.36 21.98
N MET A 166 3.61 -14.31 21.09
CA MET A 166 3.42 -15.71 21.43
C MET A 166 4.42 -16.56 20.64
N SER A 167 4.65 -17.80 21.08
CA SER A 167 5.58 -18.69 20.40
C SER A 167 4.94 -19.28 19.16
N ALA A 168 5.74 -19.93 18.33
CA ALA A 168 5.20 -20.55 17.11
C ALA A 168 4.25 -21.68 17.48
N TYR A 169 4.54 -22.37 18.57
CA TYR A 169 3.67 -23.41 19.08
C TYR A 169 2.30 -22.85 19.46
N GLN A 170 2.31 -21.76 20.20
CA GLN A 170 1.09 -21.09 20.60
C GLN A 170 0.27 -20.63 19.41
N MET A 171 0.97 -20.11 18.41
CA MET A 171 0.33 -19.68 17.17
C MET A 171 -0.40 -20.83 16.51
N ASN A 172 0.28 -21.97 16.40
CA ASN A 172 -0.34 -23.11 15.76
C ASN A 172 -1.53 -23.61 16.58
N LEU A 173 -1.38 -23.58 17.90
CA LEU A 173 -2.48 -23.96 18.80
C LEU A 173 -3.65 -23.01 18.63
N LEU A 174 -3.36 -21.73 18.50
CA LEU A 174 -4.40 -20.72 18.37
C LEU A 174 -5.20 -20.96 17.11
N ASN A 175 -4.51 -21.16 16.00
CA ASN A 175 -5.21 -21.45 14.75
C ASN A 175 -6.11 -22.69 14.87
N ARG A 176 -5.59 -23.75 15.48
CA ARG A 176 -6.33 -25.01 15.60
C ARG A 176 -7.56 -24.83 16.45
N GLU A 177 -7.40 -24.17 17.60
CA GLU A 177 -8.49 -23.99 18.54
C GLU A 177 -9.59 -23.09 17.98
N MET A 178 -9.22 -22.00 17.31
CA MET A 178 -10.21 -21.09 16.76
C MET A 178 -10.93 -21.74 15.58
N LEU A 179 -10.18 -22.45 14.75
CA LEU A 179 -10.78 -23.21 13.66
C LEU A 179 -11.77 -24.24 14.20
N ASN A 180 -11.39 -24.91 15.29
CA ASN A 180 -12.30 -25.90 15.86
C ASN A 180 -13.60 -25.27 16.35
N ILE A 181 -13.50 -24.07 16.90
CA ILE A 181 -14.66 -23.35 17.39
C ILE A 181 -15.59 -22.96 16.23
N ILE A 182 -15.01 -22.42 15.16
CA ILE A 182 -15.77 -22.11 13.97
C ILE A 182 -16.47 -23.35 13.40
N ARG A 183 -15.72 -24.46 13.26
CA ARG A 183 -16.31 -25.67 12.68
C ARG A 183 -17.40 -26.24 13.59
N SER A 184 -17.24 -26.08 14.89
CA SER A 184 -18.19 -26.68 15.82
C SER A 184 -19.55 -26.00 15.80
N THR A 185 -19.61 -24.77 15.32
CA THR A 185 -20.90 -24.08 15.23
C THR A 185 -21.77 -24.69 14.14
N GLY A 186 -21.16 -25.50 13.27
CA GLY A 186 -21.88 -26.32 12.32
C GLY A 186 -22.43 -25.55 11.14
N GLY A 187 -23.38 -26.17 10.44
CA GLY A 187 -24.00 -25.51 9.29
C GLY A 187 -22.96 -25.12 8.26
N LYS A 188 -23.12 -23.93 7.69
CA LYS A 188 -22.24 -23.45 6.63
C LYS A 188 -20.84 -23.19 7.16
N ASN A 189 -20.71 -23.07 8.48
CA ASN A 189 -19.38 -22.85 9.05
C ASN A 189 -18.59 -24.15 9.03
N GLY A 190 -19.28 -25.27 8.76
CA GLY A 190 -18.58 -26.53 8.61
C GLY A 190 -17.65 -26.53 7.41
N GLN A 191 -18.03 -25.78 6.37
CA GLN A 191 -17.26 -25.74 5.14
C GLN A 191 -16.67 -24.37 4.78
N ARG A 192 -16.99 -23.34 5.56
CA ARG A 192 -16.51 -21.99 5.23
C ARG A 192 -14.99 -21.92 5.20
N LEU A 193 -14.44 -21.22 4.23
CA LEU A 193 -12.99 -21.05 4.18
C LEU A 193 -12.51 -20.20 5.33
N VAL A 194 -11.45 -20.67 5.98
CA VAL A 194 -10.87 -19.98 7.11
C VAL A 194 -9.40 -19.70 6.82
N ILE A 195 -8.99 -18.46 7.05
CA ILE A 195 -7.67 -17.98 6.67
C ILE A 195 -6.75 -17.96 7.88
N VAL A 196 -5.64 -18.68 7.77
CA VAL A 196 -4.68 -18.83 8.86
C VAL A 196 -3.28 -18.51 8.39
N GLY A 197 -2.44 -18.04 9.29
CA GLY A 197 -1.05 -17.77 8.95
C GLY A 197 -0.12 -18.05 10.13
N GLY A 198 1.14 -17.71 9.93
CA GLY A 198 2.12 -17.82 11.00
C GLY A 198 2.24 -16.54 11.80
N LEU A 199 3.22 -16.50 12.71
CA LEU A 199 3.47 -15.30 13.49
C LEU A 199 3.63 -14.07 12.60
N GLU A 200 2.98 -12.98 13.01
CA GLU A 200 3.02 -11.68 12.32
C GLU A 200 2.53 -11.71 10.85
N ASP A 201 1.78 -12.75 10.49
CA ASP A 201 1.41 -12.99 9.08
C ASP A 201 2.64 -12.89 8.20
N ASN A 202 3.77 -13.34 8.73
CA ASN A 202 5.06 -13.20 8.09
C ASN A 202 5.35 -14.38 7.15
N LYS A 203 5.92 -14.09 5.99
CA LYS A 203 6.24 -15.10 4.99
C LYS A 203 7.22 -16.17 5.49
N ASP A 204 8.25 -15.72 6.20
CA ASP A 204 9.27 -16.65 6.69
C ASP A 204 8.70 -17.57 7.77
N GLU A 205 7.82 -17.02 8.60
CA GLU A 205 7.17 -17.83 9.62
C GLU A 205 6.24 -18.84 8.97
N LEU A 206 5.53 -18.43 7.92
CA LEU A 206 4.69 -19.35 7.17
C LEU A 206 5.49 -20.51 6.61
N LEU A 207 6.68 -20.21 6.11
CA LEU A 207 7.53 -21.25 5.51
C LEU A 207 8.17 -22.20 6.53
N HIS A 208 8.45 -21.70 7.74
CA HIS A 208 9.33 -22.45 8.63
C HIS A 208 8.74 -22.83 10.00
N SER A 209 7.82 -22.06 10.54
CA SER A 209 7.32 -22.37 11.88
C SER A 209 5.83 -22.71 11.89
N PHE A 210 5.14 -22.33 10.82
CA PHE A 210 3.72 -22.62 10.67
C PHE A 210 3.45 -24.09 10.36
N GLU A 211 2.44 -24.65 11.00
CA GLU A 211 1.95 -25.98 10.67
C GLU A 211 0.48 -25.85 10.29
N PRO A 212 0.12 -26.30 9.09
CA PRO A 212 -1.29 -26.25 8.66
C PRO A 212 -2.18 -27.11 9.56
N PRO A 213 -3.29 -26.55 10.03
CA PRO A 213 -4.30 -27.37 10.72
C PRO A 213 -4.76 -28.51 9.82
N ASP A 214 -5.21 -29.61 10.44
CA ASP A 214 -5.74 -30.72 9.67
C ASP A 214 -7.17 -30.42 9.22
N ASP A 215 -7.30 -29.67 8.12
CA ASP A 215 -8.61 -29.20 7.65
C ASP A 215 -8.51 -28.88 6.16
N ASP A 216 -9.44 -29.40 5.36
CA ASP A 216 -9.30 -29.20 3.91
C ASP A 216 -10.07 -27.97 3.40
N ARG A 217 -10.47 -27.08 4.29
CA ARG A 217 -11.13 -25.86 3.89
C ARG A 217 -10.44 -24.64 4.53
N ILE A 218 -9.12 -24.65 4.48
CA ILE A 218 -8.36 -23.50 4.97
C ILE A 218 -7.61 -22.83 3.83
N VAL A 219 -7.26 -21.58 4.08
CA VAL A 219 -6.51 -20.72 3.18
C VAL A 219 -5.34 -20.18 3.98
N LEU A 220 -4.16 -20.13 3.38
CA LEU A 220 -3.00 -19.61 4.11
C LEU A 220 -2.82 -18.15 3.77
N THR A 221 -2.18 -17.40 4.66
CA THR A 221 -1.97 -15.98 4.36
C THR A 221 -0.61 -15.46 4.84
N TYR A 222 -0.12 -14.44 4.14
CA TYR A 222 0.99 -13.65 4.64
C TYR A 222 0.81 -12.24 4.13
N HIS A 223 1.56 -11.31 4.71
CA HIS A 223 1.57 -9.93 4.21
C HIS A 223 2.90 -9.63 3.56
N TYR A 224 2.94 -8.68 2.64
CA TYR A 224 4.18 -8.39 1.93
C TYR A 224 4.39 -6.92 1.74
N TYR A 225 5.48 -6.41 2.33
CA TYR A 225 5.79 -4.99 2.25
C TYR A 225 7.27 -4.75 2.02
N SER A 226 7.89 -5.56 1.17
CA SER A 226 9.32 -5.46 0.94
C SER A 226 9.63 -4.86 -0.42
N PRO A 227 10.73 -4.09 -0.52
CA PRO A 227 11.60 -3.63 0.57
C PRO A 227 10.90 -2.55 1.39
N TRP A 228 10.94 -2.70 2.72
CA TRP A 228 10.24 -1.79 3.61
C TRP A 228 10.64 -0.34 3.36
N ASP A 229 11.93 -0.10 3.15
CA ASP A 229 12.40 1.28 2.99
C ASP A 229 12.00 1.86 1.63
N TYR A 230 11.76 1.00 0.63
CA TYR A 230 11.16 1.54 -0.60
C TYR A 230 9.66 1.87 -0.40
N VAL A 231 8.87 0.92 0.10
CA VAL A 231 7.43 1.17 0.13
C VAL A 231 7.10 2.34 1.06
N SER A 232 7.96 2.58 2.04
CA SER A 232 7.75 3.65 3.01
C SER A 232 8.54 4.93 2.71
N ASN A 233 9.42 4.88 1.70
CA ASN A 233 10.40 5.94 1.40
C ASN A 233 11.20 6.32 2.63
N TRP A 234 11.88 5.34 3.19
CA TRP A 234 12.81 5.56 4.29
C TRP A 234 14.24 5.66 3.76
N TRP A 235 15.06 6.47 4.43
CA TRP A 235 16.50 6.57 4.19
C TRP A 235 16.87 6.84 2.73
N GLY A 236 16.02 7.57 2.03
CA GLY A 236 16.33 7.97 0.67
C GLY A 236 16.08 6.93 -0.43
N ARG A 237 15.39 5.83 -0.09
CA ARG A 237 15.10 4.79 -1.08
C ARG A 237 13.88 5.15 -1.93
N THR A 238 14.08 6.06 -2.87
CA THR A 238 12.98 6.67 -3.60
C THR A 238 12.55 5.92 -4.86
N THR A 239 13.38 4.98 -5.30
CA THR A 239 13.07 4.25 -6.53
C THR A 239 13.20 2.75 -6.34
N TRP A 240 12.56 2.00 -7.24
CA TRP A 240 12.57 0.53 -7.18
C TRP A 240 12.55 -0.01 -8.59
N GLY A 241 13.20 -1.15 -8.80
CA GLY A 241 13.04 -1.87 -10.05
C GLY A 241 14.29 -2.41 -10.74
N SER A 242 15.38 -2.57 -10.00
CA SER A 242 16.57 -3.17 -10.60
C SER A 242 16.35 -4.65 -10.85
N ALA A 243 17.20 -5.26 -11.67
CA ALA A 243 17.08 -6.68 -11.93
C ALA A 243 17.17 -7.47 -10.63
N ALA A 244 18.07 -7.03 -9.75
CA ALA A 244 18.24 -7.67 -8.45
C ALA A 244 16.98 -7.57 -7.61
N GLU A 245 16.37 -6.39 -7.59
CA GLU A 245 15.15 -6.19 -6.80
C GLU A 245 13.99 -7.02 -7.33
N ILE A 246 13.87 -7.11 -8.64
CA ILE A 246 12.82 -7.92 -9.25
C ILE A 246 13.02 -9.40 -8.93
N SER A 247 14.26 -9.86 -8.98
CA SER A 247 14.58 -11.26 -8.70
CA SER A 247 14.57 -11.26 -8.69
C SER A 247 14.35 -11.58 -7.22
N GLU A 248 14.75 -10.66 -6.35
CA GLU A 248 14.53 -10.83 -4.91
C GLU A 248 13.05 -10.93 -4.55
N MET A 249 12.22 -10.13 -5.21
CA MET A 249 10.79 -10.18 -4.99
C MET A 249 10.24 -11.57 -5.37
N GLU A 250 10.68 -12.12 -6.51
CA GLU A 250 10.17 -13.42 -6.91
C GLU A 250 10.75 -14.49 -5.98
N GLU A 251 11.96 -14.28 -5.49
CA GLU A 251 12.57 -15.23 -4.56
C GLU A 251 11.86 -15.25 -3.21
N ASP A 252 11.18 -14.16 -2.87
CA ASP A 252 10.40 -14.11 -1.64
C ASP A 252 9.11 -14.90 -1.76
N ILE A 253 8.56 -14.95 -2.98
CA ILE A 253 7.23 -15.49 -3.25
C ILE A 253 7.23 -16.95 -3.68
N LYS A 254 8.18 -17.30 -4.55
CA LYS A 254 8.22 -18.64 -5.12
C LYS A 254 8.22 -19.77 -4.05
N PRO A 255 8.97 -19.61 -2.94
CA PRO A 255 8.97 -20.75 -2.01
C PRO A 255 7.62 -21.04 -1.34
N VAL A 256 6.75 -20.04 -1.24
CA VAL A 256 5.43 -20.26 -0.67
C VAL A 256 4.61 -21.05 -1.69
N TYR A 257 4.81 -20.75 -2.96
CA TYR A 257 4.17 -21.56 -4.00
C TYR A 257 4.66 -23.01 -3.95
N GLU A 258 5.97 -23.20 -3.84
CA GLU A 258 6.54 -24.54 -3.85
C GLU A 258 6.11 -25.37 -2.66
N LYS A 259 6.04 -24.76 -1.49
CA LYS A 259 5.72 -25.51 -0.29
C LYS A 259 4.24 -25.76 -0.14
N PHE A 260 3.44 -24.76 -0.50
CA PHE A 260 2.04 -24.77 -0.13
C PHE A 260 1.07 -24.78 -1.32
N VAL A 261 1.21 -23.82 -2.23
CA VAL A 261 0.21 -23.69 -3.29
C VAL A 261 0.14 -24.93 -4.21
N ARG A 262 1.29 -25.41 -4.64
CA ARG A 262 1.27 -26.56 -5.56
C ARG A 262 0.99 -27.87 -4.83
N GLU A 263 0.92 -27.83 -3.50
CA GLU A 263 0.40 -28.97 -2.73
C GLU A 263 -1.09 -28.79 -2.42
N GLY A 264 -1.70 -27.76 -2.99
CA GLY A 264 -3.14 -27.60 -2.92
C GLY A 264 -3.70 -26.60 -1.93
N TYR A 265 -2.84 -25.88 -1.21
CA TYR A 265 -3.32 -24.86 -0.26
C TYR A 265 -3.55 -23.52 -0.94
N PRO A 266 -4.80 -23.02 -0.94
CA PRO A 266 -4.94 -21.66 -1.46
C PRO A 266 -4.22 -20.67 -0.56
N VAL A 267 -3.79 -19.55 -1.14
CA VAL A 267 -3.04 -18.53 -0.42
C VAL A 267 -3.58 -17.14 -0.74
N ILE A 268 -3.77 -16.33 0.31
CA ILE A 268 -4.13 -14.92 0.15
C ILE A 268 -3.04 -14.03 0.69
N ILE A 269 -2.59 -13.07 -0.12
CA ILE A 269 -1.67 -12.05 0.37
C ILE A 269 -2.58 -10.95 0.91
N GLY A 270 -2.77 -10.94 2.21
CA GLY A 270 -3.83 -10.14 2.79
C GLY A 270 -3.56 -8.65 2.71
N GLU A 271 -2.28 -8.29 2.59
CA GLU A 271 -1.87 -6.89 2.50
C GLU A 271 -0.59 -6.77 1.68
N TYR A 272 -0.54 -5.77 0.82
CA TYR A 272 0.67 -5.38 0.07
C TYR A 272 0.41 -3.98 -0.42
N GLY A 273 1.46 -3.29 -0.88
CA GLY A 273 1.28 -1.99 -1.49
C GLY A 273 2.25 -0.95 -0.97
N THR A 274 2.30 0.20 -1.63
CA THR A 274 3.17 1.28 -1.17
C THR A 274 2.52 2.01 -0.02
N LEU A 275 3.37 2.57 0.85
CA LEU A 275 2.96 3.20 2.10
C LEU A 275 3.56 4.60 2.20
N GLY A 276 3.53 5.34 1.10
CA GLY A 276 4.04 6.69 1.10
C GLY A 276 4.97 6.95 -0.07
N ALA A 277 5.47 5.87 -0.68
CA ALA A 277 6.29 6.01 -1.88
C ALA A 277 5.45 6.73 -2.94
N ASN A 278 6.01 7.79 -3.53
CA ASN A 278 5.25 8.65 -4.43
C ASN A 278 5.77 8.67 -5.88
N GLU A 279 7.04 8.33 -6.08
CA GLU A 279 7.64 8.43 -7.39
C GLU A 279 6.88 7.52 -8.35
N LYS A 280 6.42 8.07 -9.47
CA LYS A 280 5.40 7.38 -10.24
C LYS A 280 5.85 6.13 -10.98
N HIS A 281 6.95 6.21 -11.72
CA HIS A 281 7.45 5.06 -12.46
C HIS A 281 7.69 3.85 -11.56
N SER A 282 8.40 4.07 -10.46
CA SER A 282 8.69 2.99 -9.51
C SER A 282 7.42 2.40 -8.93
N LYS A 283 6.48 3.25 -8.56
CA LYS A 283 5.22 2.79 -7.97
C LYS A 283 4.47 1.91 -8.94
N TRP A 284 4.37 2.37 -10.18
CA TRP A 284 3.68 1.59 -11.20
C TRP A 284 4.41 0.27 -11.44
N LEU A 285 5.73 0.33 -11.56
CA LEU A 285 6.52 -0.87 -11.81
C LEU A 285 6.39 -1.88 -10.67
N TYR A 286 6.43 -1.37 -9.44
CA TYR A 286 6.34 -2.21 -8.26
C TYR A 286 5.00 -2.98 -8.23
N HIS A 287 3.91 -2.26 -8.47
CA HIS A 287 2.59 -2.88 -8.41
C HIS A 287 2.39 -3.87 -9.55
N ASP A 288 2.80 -3.51 -10.76
CA ASP A 288 2.65 -4.45 -11.87
C ASP A 288 3.47 -5.70 -11.62
N THR A 289 4.68 -5.53 -11.11
CA THR A 289 5.56 -6.68 -10.98
C THR A 289 5.03 -7.59 -9.86
N PHE A 290 4.66 -7.01 -8.73
CA PHE A 290 4.22 -7.83 -7.62
C PHE A 290 2.92 -8.56 -7.91
N VAL A 291 1.92 -7.84 -8.39
CA VAL A 291 0.64 -8.46 -8.64
C VAL A 291 0.74 -9.54 -9.72
N ARG A 292 1.56 -9.31 -10.74
CA ARG A 292 1.81 -10.33 -11.78
C ARG A 292 2.48 -11.58 -11.19
N LEU A 293 3.42 -11.39 -10.27
CA LEU A 293 4.06 -12.53 -9.62
C LEU A 293 3.02 -13.27 -8.77
N ALA A 294 2.22 -12.52 -8.02
CA ALA A 294 1.19 -13.15 -7.22
C ALA A 294 0.27 -14.00 -8.10
N HIS A 295 -0.18 -13.42 -9.21
CA HIS A 295 -1.10 -14.13 -10.10
C HIS A 295 -0.44 -15.39 -10.67
N LYS A 296 0.80 -15.25 -11.10
CA LYS A 296 1.60 -16.37 -11.61
C LYS A 296 1.65 -17.54 -10.64
N TYR A 297 1.83 -17.23 -9.35
CA TYR A 297 1.95 -18.28 -8.34
C TYR A 297 0.62 -18.55 -7.61
N GLN A 298 -0.48 -18.12 -8.25
CA GLN A 298 -1.84 -18.40 -7.78
C GLN A 298 -2.05 -17.96 -6.33
N MET A 299 -1.62 -16.74 -6.04
CA MET A 299 -1.86 -16.12 -4.75
C MET A 299 -2.75 -14.89 -4.93
N VAL A 300 -3.79 -14.79 -4.12
CA VAL A 300 -4.72 -13.67 -4.21
C VAL A 300 -4.11 -12.43 -3.56
N PRO A 301 -3.87 -11.37 -4.35
CA PRO A 301 -3.31 -10.15 -3.75
C PRO A 301 -4.38 -9.18 -3.31
N MET A 302 -4.33 -8.73 -2.05
CA MET A 302 -5.31 -7.79 -1.52
C MET A 302 -4.57 -6.51 -1.12
N TRP A 303 -4.95 -5.42 -1.77
CA TRP A 303 -4.22 -4.15 -1.73
C TRP A 303 -4.50 -3.43 -0.42
N TRP A 304 -3.46 -2.98 0.29
CA TRP A 304 -3.67 -2.18 1.48
C TRP A 304 -3.93 -0.72 1.11
N ASP A 305 -4.99 -0.15 1.65
CA ASP A 305 -5.34 1.24 1.46
C ASP A 305 -5.89 1.73 2.79
N ASN A 306 -5.24 2.71 3.42
CA ASN A 306 -5.73 3.19 4.70
C ASN A 306 -6.76 4.31 4.56
N GLY A 307 -7.17 4.60 3.32
CA GLY A 307 -8.12 5.67 3.06
C GLY A 307 -7.40 6.91 2.56
N ASN A 308 -6.13 7.06 2.90
CA ASN A 308 -5.33 8.15 2.33
C ASN A 308 -4.33 7.69 1.26
N ASP A 309 -4.16 6.38 1.14
CA ASP A 309 -3.16 5.81 0.25
C ASP A 309 -3.61 5.82 -1.21
N GLN A 310 -4.81 5.33 -1.47
CA GLN A 310 -5.23 5.08 -2.86
C GLN A 310 -6.60 5.71 -3.14
N PHE A 311 -7.68 5.08 -2.67
CA PHE A 311 -9.02 5.59 -3.05
C PHE A 311 -9.44 6.72 -2.12
N ASP A 312 -9.83 7.86 -2.69
CA ASP A 312 -10.40 8.95 -1.91
C ASP A 312 -11.91 8.74 -1.80
N ARG A 313 -12.37 8.25 -0.64
CA ARG A 313 -13.78 7.91 -0.48
C ARG A 313 -14.72 9.12 -0.54
N ALA A 314 -14.19 10.29 -0.19
CA ALA A 314 -15.01 11.50 -0.16
C ALA A 314 -15.19 12.08 -1.57
N GLU A 315 -14.09 12.21 -2.30
CA GLU A 315 -14.18 12.69 -3.68
C GLU A 315 -14.64 11.56 -4.59
N ARG A 316 -14.63 10.33 -4.07
CA ARG A 316 -15.05 9.14 -4.82
C ARG A 316 -14.24 8.97 -6.09
N GLN A 317 -12.92 9.19 -5.96
CA GLN A 317 -12.00 8.95 -7.07
C GLN A 317 -10.66 8.46 -6.55
N TRP A 318 -9.91 7.81 -7.43
CA TRP A 318 -8.60 7.27 -7.08
C TRP A 318 -7.50 8.30 -7.20
N ARG A 319 -6.63 8.39 -6.19
CA ARG A 319 -5.58 9.38 -6.21
C ARG A 319 -4.60 9.14 -7.34
N ASP A 320 -4.33 7.88 -7.61
CA ASP A 320 -3.53 7.48 -8.77
C ASP A 320 -4.31 6.48 -9.60
N PRO A 321 -5.02 6.97 -10.63
CA PRO A 321 -5.89 6.09 -11.41
C PRO A 321 -5.08 5.04 -12.15
N VAL A 322 -3.86 5.38 -12.57
CA VAL A 322 -3.08 4.45 -13.35
C VAL A 322 -2.67 3.24 -12.53
N VAL A 323 -2.22 3.47 -11.31
CA VAL A 323 -1.76 2.33 -10.50
C VAL A 323 -2.98 1.45 -10.18
N LYS A 324 -4.16 2.04 -10.03
CA LYS A 324 -5.37 1.25 -9.81
C LYS A 324 -5.65 0.38 -11.03
N GLU A 325 -5.57 0.96 -12.23
CA GLU A 325 -5.86 0.18 -13.44
C GLU A 325 -4.82 -0.92 -13.63
N ILE A 326 -3.57 -0.65 -13.24
CA ILE A 326 -2.51 -1.66 -13.29
C ILE A 326 -2.85 -2.84 -12.38
N VAL A 327 -3.33 -2.54 -11.18
CA VAL A 327 -3.70 -3.60 -10.23
C VAL A 327 -4.87 -4.43 -10.76
N ILE A 328 -5.87 -3.75 -11.31
CA ILE A 328 -7.07 -4.40 -11.86
C ILE A 328 -6.75 -5.35 -13.02
N GLN A 329 -5.85 -4.92 -13.90
CA GLN A 329 -5.45 -5.76 -15.02
C GLN A 329 -4.50 -6.87 -14.59
N ALA A 330 -3.44 -6.52 -13.87
CA ALA A 330 -2.47 -7.54 -13.45
C ALA A 330 -3.14 -8.57 -12.53
N GLY A 331 -4.15 -8.14 -11.79
CA GLY A 331 -4.90 -9.02 -10.91
C GLY A 331 -5.73 -10.05 -11.67
N ARG A 332 -5.85 -9.86 -12.99
CA ARG A 332 -6.59 -10.77 -13.86
C ARG A 332 -5.62 -11.52 -14.77
N GLY A 333 -4.32 -11.36 -14.50
CA GLY A 333 -3.30 -12.03 -15.27
C GLY A 333 -2.98 -11.35 -16.59
N VAL A 334 -3.33 -10.07 -16.69
CA VAL A 334 -3.00 -9.28 -17.88
C VAL A 334 -1.78 -8.39 -17.61
N PRO A 335 -0.64 -8.67 -18.26
CA PRO A 335 0.54 -7.81 -18.08
C PRO A 335 0.30 -6.38 -18.57
N ASN A 336 0.91 -5.40 -17.90
CA ASN A 336 0.77 -4.00 -18.30
C ASN A 336 2.08 -3.47 -18.85
N ALA A 337 2.00 -2.64 -19.87
CA ALA A 337 3.19 -1.99 -20.39
C ALA A 337 3.54 -0.82 -19.49
N ILE A 338 4.84 -0.55 -19.34
CA ILE A 338 5.30 0.50 -18.45
C ILE A 338 6.21 1.49 -19.18
N ILE A 339 5.87 2.78 -19.16
CA ILE A 339 6.69 3.76 -19.86
C ILE A 339 7.73 4.40 -18.94
N LYS A 340 8.78 4.92 -19.55
CA LYS A 340 9.83 5.63 -18.83
C LYS A 340 10.34 6.72 -19.74
N PRO A 341 10.26 7.99 -19.28
CA PRO A 341 9.79 8.41 -17.97
C PRO A 341 8.26 8.53 -17.88
N ALA A 342 7.73 8.50 -16.66
CA ALA A 342 6.30 8.74 -16.44
C ALA A 342 6.03 10.24 -16.29
N ASP A 343 7.02 10.96 -15.78
CA ASP A 343 6.98 12.42 -15.69
C ASP A 343 8.07 12.96 -16.59
N LEU A 344 7.68 13.72 -17.61
CA LEU A 344 8.66 14.33 -18.49
C LEU A 344 8.88 15.77 -18.05
N PHE A 345 10.07 16.03 -17.50
CA PHE A 345 10.42 17.36 -17.01
C PHE A 345 11.16 18.17 -18.05
N ILE A 346 10.60 19.32 -18.41
CA ILE A 346 11.24 20.25 -19.33
C ILE A 346 11.44 21.57 -18.60
N LYS A 347 12.67 22.08 -18.59
CA LYS A 347 12.98 23.28 -17.83
C LYS A 347 12.62 24.54 -18.63
N LYS A 348 12.13 25.55 -17.93
CA LYS A 348 11.81 26.81 -18.57
C LYS A 348 13.06 27.38 -19.25
N GLY A 349 12.92 27.70 -20.53
CA GLY A 349 14.00 28.29 -21.29
C GLY A 349 14.90 27.29 -22.00
N GLN A 350 14.92 26.04 -21.56
CA GLN A 350 15.82 25.05 -22.13
C GLN A 350 15.60 24.84 -23.64
N SER A 351 16.64 24.40 -24.34
CA SER A 351 16.48 24.04 -25.74
C SER A 351 15.67 22.76 -25.80
N ILE A 352 14.61 22.74 -26.61
CA ILE A 352 13.74 21.57 -26.72
C ILE A 352 14.19 20.65 -27.85
N SER A 353 14.56 19.42 -27.50
CA SER A 353 14.96 18.44 -28.50
C SER A 353 13.95 17.31 -28.52
N ASP A 354 14.04 16.43 -29.51
CA ASP A 354 13.18 15.24 -29.52
C ASP A 354 13.37 14.48 -28.22
N GLN A 355 12.28 13.94 -27.68
CA GLN A 355 12.30 13.26 -26.40
C GLN A 355 12.03 11.76 -26.55
N THR A 356 12.87 10.96 -25.92
CA THR A 356 12.76 9.50 -25.99
C THR A 356 11.90 8.94 -24.88
N VAL A 357 10.95 8.08 -25.24
CA VAL A 357 10.16 7.35 -24.24
C VAL A 357 10.34 5.86 -24.47
N ASP A 358 10.97 5.19 -23.50
CA ASP A 358 11.14 3.74 -23.58
C ASP A 358 9.91 3.07 -23.01
N ILE A 359 9.47 1.99 -23.65
CA ILE A 359 8.33 1.22 -23.16
C ILE A 359 8.75 -0.21 -22.84
N GLN A 360 8.57 -0.62 -21.59
CA GLN A 360 8.62 -2.03 -21.25
C GLN A 360 7.27 -2.62 -21.63
N LEU A 361 7.21 -3.27 -22.79
CA LEU A 361 5.93 -3.70 -23.36
C LEU A 361 5.28 -4.85 -22.61
N ASN A 362 6.08 -5.72 -22.02
CA ASN A 362 5.60 -6.91 -21.35
C ASN A 362 4.59 -7.69 -22.20
N GLY A 363 4.91 -7.82 -23.49
CA GLY A 363 4.09 -8.58 -24.42
C GLY A 363 3.00 -7.79 -25.13
N ASN A 364 2.84 -6.52 -24.76
CA ASN A 364 1.78 -5.71 -25.32
C ASN A 364 2.20 -5.00 -26.60
N VAL A 365 1.23 -4.36 -27.25
CA VAL A 365 1.47 -3.55 -28.44
C VAL A 365 0.90 -2.16 -28.27
N LEU A 366 1.72 -1.13 -28.51
CA LEU A 366 1.23 0.25 -28.47
C LEU A 366 0.22 0.49 -29.60
N THR A 367 -0.93 1.07 -29.27
CA THR A 367 -1.98 1.29 -30.27
C THR A 367 -2.21 2.77 -30.53
N GLY A 368 -1.62 3.64 -29.70
CA GLY A 368 -1.75 5.06 -29.93
C GLY A 368 -1.24 5.93 -28.80
N ILE A 369 -1.13 7.23 -29.09
CA ILE A 369 -0.76 8.22 -28.08
C ILE A 369 -1.72 9.38 -28.20
N TYR A 370 -2.34 9.75 -27.08
CA TYR A 370 -3.45 10.71 -27.11
C TYR A 370 -3.21 11.87 -26.17
N GLN A 371 -3.69 13.04 -26.56
CA GLN A 371 -3.88 14.11 -25.59
C GLN A 371 -5.38 14.18 -25.28
N LYS A 372 -5.76 13.61 -24.14
CA LYS A 372 -7.16 13.34 -23.82
C LYS A 372 -7.76 12.44 -24.91
N SER A 373 -8.75 12.91 -25.65
CA SER A 373 -9.35 12.06 -26.68
C SER A 373 -8.77 12.32 -28.07
N GLU A 374 -7.85 13.28 -28.20
CA GLU A 374 -7.31 13.64 -29.50
C GLU A 374 -6.00 12.90 -29.78
N PRO A 375 -5.96 12.11 -30.86
CA PRO A 375 -4.72 11.36 -31.12
C PRO A 375 -3.58 12.23 -31.65
N LEU A 376 -2.38 11.92 -31.20
CA LEU A 376 -1.19 12.46 -31.83
C LEU A 376 -0.97 11.73 -33.15
N LYS A 377 -0.35 12.40 -34.12
CA LYS A 377 -0.18 11.82 -35.44
C LYS A 377 1.18 11.13 -35.58
N GLU A 378 1.16 9.81 -35.77
CA GLU A 378 2.41 9.09 -35.96
C GLU A 378 3.04 9.53 -37.28
N GLY A 379 4.32 9.88 -37.23
CA GLY A 379 5.00 10.46 -38.36
C GLY A 379 5.46 11.87 -38.08
N SER A 380 4.53 12.75 -37.68
CA SER A 380 4.88 14.15 -37.46
C SER A 380 5.00 14.50 -35.98
N ASP A 381 4.10 13.96 -35.15
CA ASP A 381 4.16 14.24 -33.74
C ASP A 381 5.14 13.31 -33.02
N TYR A 382 5.20 12.06 -33.49
CA TYR A 382 6.06 11.05 -32.87
C TYR A 382 6.38 9.91 -33.84
N THR A 383 7.50 9.24 -33.60
CA THR A 383 7.83 8.04 -34.35
C THR A 383 8.09 6.88 -33.40
N VAL A 384 7.97 5.65 -33.91
CA VAL A 384 8.20 4.45 -33.10
C VAL A 384 9.16 3.52 -33.82
N ASP A 385 10.03 2.82 -33.08
CA ASP A 385 10.95 1.91 -33.74
C ASP A 385 10.22 0.63 -34.19
N ASN A 386 10.87 -0.18 -35.03
CA ASN A 386 10.25 -1.39 -35.55
C ASN A 386 9.80 -2.36 -34.45
N ALA A 387 10.50 -2.37 -33.32
CA ALA A 387 10.13 -3.26 -32.22
C ALA A 387 8.92 -2.71 -31.47
N GLY A 388 8.57 -1.46 -31.75
CA GLY A 388 7.41 -0.85 -31.12
C GLY A 388 7.58 -0.57 -29.64
N LYS A 389 8.82 -0.41 -29.17
CA LYS A 389 9.02 -0.18 -27.74
C LYS A 389 9.85 1.07 -27.44
N THR A 390 10.20 1.82 -28.48
CA THR A 390 10.93 3.07 -28.30
C THR A 390 10.22 4.17 -29.08
N VAL A 391 9.67 5.13 -28.36
CA VAL A 391 8.94 6.25 -28.96
C VAL A 391 9.81 7.51 -28.91
N SER A 392 9.84 8.24 -30.03
CA SER A 392 10.46 9.55 -30.04
C SER A 392 9.39 10.63 -30.26
N ILE A 393 9.16 11.45 -29.25
CA ILE A 393 8.26 12.59 -29.35
C ILE A 393 9.00 13.75 -30.00
N LYS A 394 8.51 14.21 -31.15
CA LYS A 394 9.22 15.25 -31.90
C LYS A 394 9.20 16.57 -31.14
N ALA A 395 10.31 17.30 -31.18
CA ALA A 395 10.45 18.54 -30.42
C ALA A 395 9.38 19.58 -30.72
N SER A 396 8.93 19.67 -31.98
CA SER A 396 7.94 20.70 -32.30
C SER A 396 6.61 20.34 -31.65
N CYS A 397 6.34 19.04 -31.54
CA CYS A 397 5.16 18.55 -30.84
C CYS A 397 5.21 18.94 -29.37
N LEU A 398 6.36 18.65 -28.72
CA LEU A 398 6.57 19.03 -27.33
C LEU A 398 6.40 20.52 -27.10
N ALA A 399 6.96 21.32 -28.00
CA ALA A 399 6.94 22.77 -27.83
C ALA A 399 5.51 23.29 -27.87
N LYS A 400 4.66 22.67 -28.68
CA LYS A 400 3.27 23.07 -28.77
C LYS A 400 2.52 22.66 -27.50
N LEU A 401 2.85 21.48 -26.98
CA LEU A 401 2.21 20.97 -25.78
C LEU A 401 2.46 21.83 -24.53
N LEU A 402 3.61 22.49 -24.50
CA LEU A 402 3.98 23.30 -23.34
C LEU A 402 3.22 24.62 -23.32
N GLN A 407 3.65 29.62 -17.08
CA GLN A 407 3.96 29.25 -15.71
C GLN A 407 4.33 27.77 -15.59
N PRO A 408 5.25 27.45 -14.67
CA PRO A 408 5.62 26.07 -14.36
C PRO A 408 4.41 25.22 -13.95
N GLY A 409 4.43 23.94 -14.28
CA GLY A 409 3.35 23.04 -13.90
C GLY A 409 3.09 21.97 -14.94
N VAL A 410 2.05 21.16 -14.72
CA VAL A 410 1.67 20.15 -15.69
C VAL A 410 0.99 20.82 -16.87
N LYS A 411 1.62 20.77 -18.05
CA LYS A 411 1.10 21.47 -19.22
C LYS A 411 0.26 20.55 -20.11
N ALA A 412 0.49 19.24 -20.01
CA ALA A 412 -0.21 18.28 -20.85
C ALA A 412 -0.08 16.89 -20.27
N GLN A 413 -1.01 16.02 -20.61
CA GLN A 413 -0.87 14.62 -20.27
C GLN A 413 -1.01 13.79 -21.54
N LEU A 414 -0.03 12.94 -21.81
CA LEU A 414 -0.10 12.06 -22.95
C LEU A 414 -0.49 10.66 -22.51
N THR A 415 -1.56 10.15 -23.09
CA THR A 415 -2.01 8.81 -22.75
C THR A 415 -1.53 7.81 -23.80
N PHE A 416 -0.70 6.87 -23.35
CA PHE A 416 -0.23 5.78 -24.20
C PHE A 416 -1.19 4.62 -24.08
N THR A 417 -1.83 4.22 -25.18
CA THR A 417 -2.79 3.12 -25.10
C THR A 417 -2.16 1.87 -25.69
N PHE A 418 -2.57 0.73 -25.15
CA PHE A 418 -2.06 -0.57 -25.59
C PHE A 418 -3.24 -1.48 -25.91
N HIS A 419 -3.02 -2.50 -26.74
CA HIS A 419 -4.10 -3.38 -27.13
C HIS A 419 -4.72 -4.00 -25.90
N LYS A 420 -3.88 -4.51 -25.01
CA LYS A 420 -4.30 -5.05 -23.72
C LYS A 420 -3.56 -4.38 -22.57
N GLY A 421 -4.11 -4.50 -21.35
CA GLY A 421 -3.47 -3.91 -20.19
C GLY A 421 -3.82 -2.45 -20.01
N ALA A 422 -3.41 -1.89 -18.88
CA ALA A 422 -3.69 -0.48 -18.55
C ALA A 422 -3.00 0.50 -19.50
N SER A 423 -3.63 1.66 -19.72
CA SER A 423 -2.96 2.74 -20.41
C SER A 423 -1.94 3.40 -19.50
N GLN A 424 -0.91 3.97 -20.09
CA GLN A 424 0.11 4.71 -19.37
C GLN A 424 -0.06 6.19 -19.61
N VAL A 425 0.02 7.00 -18.56
CA VAL A 425 -0.17 8.43 -18.70
C VAL A 425 1.11 9.17 -18.35
N MET A 426 1.61 9.98 -19.29
CA MET A 426 2.85 10.70 -19.06
C MET A 426 2.53 12.17 -18.85
N ASP A 427 2.98 12.72 -17.74
CA ASP A 427 2.79 14.16 -17.50
C ASP A 427 3.90 14.95 -18.16
N ILE A 428 3.53 15.98 -18.92
CA ILE A 428 4.49 16.92 -19.48
C ILE A 428 4.58 18.12 -18.54
N ILE A 429 5.70 18.21 -17.82
CA ILE A 429 5.83 19.20 -16.76
C ILE A 429 6.87 20.25 -17.10
N LEU A 430 6.42 21.50 -17.17
CA LEU A 430 7.34 22.62 -17.30
C LEU A 430 7.80 22.96 -15.89
N TYR A 431 9.11 23.01 -15.67
CA TYR A 431 9.61 23.35 -14.36
C TYR A 431 10.67 24.42 -14.43
N ASP A 432 11.00 24.97 -13.27
CA ASP A 432 12.10 25.91 -13.15
C ASP A 432 12.78 25.67 -11.81
N ASP A 433 13.85 26.40 -11.55
CA ASP A 433 14.54 26.35 -10.27
C ASP A 433 13.57 26.67 -9.14
N PRO A 434 13.56 25.83 -8.10
CA PRO A 434 12.71 26.09 -6.94
C PRO A 434 13.19 27.31 -6.16
N LYS A 435 12.25 28.14 -5.70
CA LYS A 435 12.58 29.36 -4.99
C LYS A 435 12.03 29.32 -3.56
N LEU A 436 12.92 29.47 -2.58
CA LEU A 436 12.50 29.54 -1.19
C LEU A 436 12.42 31.00 -0.74
N GLU A 437 11.34 31.36 -0.06
CA GLU A 437 11.21 32.70 0.47
C GLU A 437 12.31 32.94 1.51
N LYS A 438 12.57 31.89 2.29
CA LYS A 438 13.53 31.95 3.39
C LYS A 438 14.29 30.63 3.41
N SER A 439 15.61 30.68 3.53
CA SER A 439 16.42 29.45 3.48
C SER A 439 17.20 29.21 4.76
N GLU A 440 17.06 30.12 5.73
CA GLU A 440 17.74 29.99 7.01
C GLU A 440 16.76 30.24 8.14
N PHE A 441 16.69 29.31 9.08
CA PHE A 441 15.71 29.39 10.16
C PHE A 441 16.38 29.24 11.52
N THR A 442 15.91 30.01 12.50
CA THR A 442 16.41 29.90 13.86
C THR A 442 15.40 29.21 14.77
N ILE A 443 15.85 28.16 15.46
CA ILE A 443 15.00 27.45 16.42
C ILE A 443 15.68 27.35 17.79
N SER A 444 14.90 27.53 18.86
CA SER A 444 15.41 27.32 20.20
C SER A 444 15.04 25.91 20.69
N GLN A 445 15.87 25.33 21.55
CA GLN A 445 15.65 23.95 22.02
C GLN A 445 14.55 23.82 23.07
N SER A 446 13.99 24.96 23.49
CA SER A 446 12.98 24.97 24.55
C SER A 446 11.60 25.51 24.12
N ALA A 447 11.50 25.96 22.87
CA ALA A 447 10.23 26.48 22.36
C ALA A 447 9.68 25.63 21.21
N ILE A 448 10.35 24.51 20.96
CA ILE A 448 9.93 23.56 19.92
C ILE A 448 8.53 23.02 20.20
N SER A 449 7.62 23.25 19.27
CA SER A 449 6.24 22.81 19.40
C SER A 449 5.60 22.78 18.03
N GLY A 450 5.65 21.64 17.37
CA GLY A 450 5.11 21.51 16.04
C GLY A 450 6.20 21.50 14.99
N ASP A 451 5.81 21.26 13.74
CA ASP A 451 6.77 21.09 12.65
C ASP A 451 7.33 22.42 12.18
N LEU A 452 8.46 22.36 11.48
CA LEU A 452 9.02 23.56 10.89
C LEU A 452 8.50 23.71 9.46
N LYS A 453 7.77 24.80 9.23
CA LYS A 453 7.26 25.09 7.90
C LYS A 453 8.29 25.89 7.12
N ILE A 454 8.57 25.43 5.91
CA ILE A 454 9.48 26.11 5.00
C ILE A 454 8.72 26.47 3.74
N PRO A 455 8.21 27.71 3.67
CA PRO A 455 7.42 28.12 2.49
C PRO A 455 8.26 28.08 1.23
N ALA A 456 7.69 27.54 0.15
CA ALA A 456 8.46 27.37 -1.07
C ALA A 456 7.61 27.59 -2.32
N SER A 457 8.31 27.94 -3.40
CA SER A 457 7.77 27.85 -4.74
C SER A 457 8.56 26.77 -5.45
N LEU A 458 8.00 25.56 -5.50
CA LEU A 458 8.71 24.43 -6.07
C LEU A 458 8.75 24.47 -7.59
N ASN A 459 7.87 25.28 -8.18
CA ASN A 459 7.89 25.54 -9.63
C ASN A 459 7.88 24.27 -10.47
N GLY A 460 6.96 23.37 -10.16
CA GLY A 460 6.81 22.14 -10.95
C GLY A 460 7.62 20.97 -10.44
N THR A 461 8.63 21.22 -9.59
CA THR A 461 9.42 20.11 -9.05
C THR A 461 8.63 19.39 -7.96
N LYS A 462 9.03 18.14 -7.66
CA LYS A 462 8.36 17.32 -6.66
C LYS A 462 9.37 16.84 -5.63
N LEU A 463 8.95 16.75 -4.37
CA LEU A 463 9.84 16.27 -3.31
C LEU A 463 10.15 14.78 -3.44
N ALA A 464 11.43 14.43 -3.35
CA ALA A 464 11.87 13.05 -3.42
C ALA A 464 12.25 12.54 -2.04
N THR A 465 13.24 13.19 -1.44
CA THR A 465 13.69 12.81 -0.11
C THR A 465 14.48 13.96 0.53
N VAL A 466 14.86 13.78 1.79
CA VAL A 466 15.58 14.81 2.54
C VAL A 466 16.72 14.20 3.33
N LYS A 467 17.85 14.90 3.41
CA LYS A 467 18.89 14.48 4.34
C LYS A 467 19.23 15.64 5.27
N GLY A 468 19.64 15.31 6.49
CA GLY A 468 20.00 16.33 7.45
C GLY A 468 21.36 16.04 8.03
N VAL A 469 22.23 17.04 8.00
CA VAL A 469 23.58 16.90 8.51
C VAL A 469 23.90 18.00 9.52
N VAL A 470 24.48 17.61 10.65
CA VAL A 470 24.97 18.56 11.64
C VAL A 470 26.22 19.26 11.09
N ASP A 471 26.22 20.59 11.09
CA ASP A 471 27.27 21.35 10.39
C ASP A 471 28.68 21.16 10.96
N SER A 472 28.81 21.10 12.29
CA SER A 472 30.14 21.03 12.90
C SER A 472 30.79 19.66 12.73
N THR A 473 29.99 18.60 12.82
CA THR A 473 30.52 17.24 12.86
C THR A 473 30.38 16.49 11.54
N GLY A 474 29.45 16.93 10.70
CA GLY A 474 29.19 16.25 9.45
C GLY A 474 28.41 14.95 9.63
N ARG A 475 27.97 14.69 10.85
CA ARG A 475 27.23 13.48 11.16
C ARG A 475 25.74 13.65 10.86
N PRO A 476 24.99 12.54 10.79
CA PRO A 476 23.54 12.65 10.62
C PRO A 476 22.84 13.34 11.79
N VAL A 477 21.89 14.22 11.49
CA VAL A 477 21.09 14.86 12.52
C VAL A 477 20.36 13.82 13.37
N LEU A 478 19.92 12.74 12.74
CA LEU A 478 19.23 11.66 13.43
C LEU A 478 20.14 10.49 13.80
N GLU A 479 21.43 10.77 13.97
CA GLU A 479 22.41 9.74 14.35
C GLU A 479 21.96 8.89 15.55
N GLU A 480 21.26 9.50 16.49
CA GLU A 480 20.84 8.80 17.70
C GLU A 480 19.87 7.66 17.41
N VAL A 481 19.23 7.70 16.25
CA VAL A 481 18.32 6.61 15.86
C VAL A 481 18.82 5.86 14.61
N TRP A 482 19.21 6.59 13.56
CA TRP A 482 19.79 5.95 12.38
C TRP A 482 21.22 6.44 12.19
N SER A 483 22.19 5.65 12.62
CA SER A 483 23.56 6.13 12.66
C SER A 483 24.26 6.14 11.31
N TRP A 484 23.81 5.31 10.38
CA TRP A 484 24.53 5.05 9.13
C TRP A 484 24.20 6.00 7.98
N THR A 485 23.15 6.81 8.14
CA THR A 485 22.73 7.67 7.04
C THR A 485 22.18 8.99 7.54
N PRO A 486 22.39 10.06 6.77
CA PRO A 486 21.77 11.35 7.08
C PRO A 486 20.36 11.46 6.48
N TYR A 487 19.97 10.49 5.66
CA TYR A 487 18.68 10.59 4.99
C TYR A 487 17.55 10.30 5.95
N LEU A 488 16.47 11.06 5.81
CA LEU A 488 15.36 11.00 6.75
C LEU A 488 14.24 10.12 6.21
N ASN A 489 13.23 9.90 7.03
CA ASN A 489 12.11 9.03 6.63
C ASN A 489 10.86 9.81 6.30
N TYR A 490 10.25 9.47 5.16
CA TYR A 490 9.03 10.14 4.75
C TYR A 490 7.95 10.08 5.82
N ASP A 491 7.23 11.19 5.94
CA ASP A 491 6.06 11.35 6.80
C ASP A 491 6.42 11.54 8.27
N GLU A 492 7.25 10.65 8.80
CA GLU A 492 7.63 10.78 10.20
C GLU A 492 8.71 11.84 10.43
N ASP A 493 9.46 12.17 9.39
CA ASP A 493 10.55 13.16 9.48
C ASP A 493 10.32 14.37 8.59
N PHE A 494 9.76 14.13 7.42
CA PHE A 494 9.60 15.21 6.45
C PHE A 494 8.38 14.94 5.60
N TYR A 495 7.92 15.99 4.94
CA TYR A 495 6.84 15.86 3.97
C TYR A 495 6.66 17.17 3.24
N GLU A 496 5.95 17.08 2.12
CA GLU A 496 5.57 18.25 1.37
C GLU A 496 4.06 18.38 1.49
N LYS A 497 3.55 19.62 1.53
CA LYS A 497 2.11 19.84 1.59
C LYS A 497 1.79 21.19 1.00
N ASP A 498 1.00 21.18 -0.08
CA ASP A 498 0.57 22.39 -0.75
C ASP A 498 1.74 23.25 -1.21
N GLY A 499 2.82 22.59 -1.60
CA GLY A 499 3.94 23.29 -2.22
C GLY A 499 4.95 23.79 -1.22
N ASP A 500 4.64 23.65 0.07
CA ASP A 500 5.59 24.00 1.11
C ASP A 500 6.28 22.75 1.62
N LEU A 501 7.47 22.93 2.17
CA LEU A 501 8.22 21.82 2.69
C LEU A 501 8.16 21.82 4.21
N TYR A 502 8.26 20.65 4.83
CA TYR A 502 8.18 20.56 6.27
C TYR A 502 9.23 19.65 6.89
N LEU A 503 9.77 20.07 8.02
CA LEU A 503 10.56 19.20 8.90
C LEU A 503 9.73 18.91 10.14
N LYS A 504 9.51 17.63 10.44
CA LYS A 504 8.68 17.24 11.57
C LYS A 504 9.32 17.57 12.93
N GLU A 505 8.47 17.75 13.93
CA GLU A 505 8.90 18.09 15.28
C GLU A 505 9.94 17.10 15.80
N ARG A 506 9.71 15.81 15.49
CA ARG A 506 10.64 14.74 15.82
C ARG A 506 12.07 15.07 15.44
N VAL A 507 12.25 15.55 14.21
CA VAL A 507 13.58 15.88 13.71
C VAL A 507 14.17 17.07 14.46
N LEU A 508 13.33 18.06 14.76
CA LEU A 508 13.78 19.25 15.45
C LEU A 508 14.29 18.95 16.85
N LYS A 509 13.66 17.98 17.51
CA LYS A 509 14.02 17.62 18.88
C LYS A 509 15.39 16.96 18.97
N TYR A 510 15.88 16.43 17.85
CA TYR A 510 17.21 15.81 17.83
C TYR A 510 18.31 16.81 17.49
N LEU A 511 17.93 18.05 17.22
CA LEU A 511 18.89 19.08 16.83
C LEU A 511 19.67 19.63 18.04
N LYS A 512 20.99 19.69 17.92
CA LYS A 512 21.82 20.18 19.02
C LYS A 512 22.58 21.43 18.63
N SER A 513 23.05 21.48 17.39
CA SER A 513 23.74 22.65 16.87
C SER A 513 23.26 22.93 15.45
N ASP A 514 23.78 23.98 14.84
CA ASP A 514 23.36 24.41 13.51
C ASP A 514 23.43 23.25 12.52
N SER A 515 22.36 23.07 11.75
CA SER A 515 22.28 21.92 10.85
C SER A 515 21.86 22.34 9.44
N THR A 516 22.16 21.49 8.48
CA THR A 516 21.82 21.72 7.08
C THR A 516 20.96 20.61 6.50
N PHE A 517 19.82 21.01 5.94
CA PHE A 517 18.92 20.06 5.33
C PHE A 517 18.89 20.26 3.81
N THR A 518 19.04 19.15 3.08
CA THR A 518 19.03 19.20 1.63
C THR A 518 17.79 18.47 1.13
N PHE A 519 16.84 19.23 0.61
CA PHE A 519 15.63 18.64 0.05
C PHE A 519 15.91 18.26 -1.39
N GLU A 520 15.95 16.96 -1.66
CA GLU A 520 16.20 16.50 -3.01
C GLU A 520 14.89 16.36 -3.76
N LEU A 521 14.84 16.92 -4.97
CA LEU A 521 13.61 16.99 -5.74
C LEU A 521 13.69 16.19 -7.04
N TRP A 522 12.55 15.92 -7.64
CA TRP A 522 12.50 15.49 -9.04
C TRP A 522 12.28 16.76 -9.87
N PRO A 523 12.98 16.88 -11.02
CA PRO A 523 13.89 15.89 -11.60
C PRO A 523 15.22 15.78 -10.85
N LYS A 524 15.83 14.59 -10.91
CA LYS A 524 17.04 14.28 -10.15
C LYS A 524 18.12 15.33 -10.33
N GLY A 525 18.76 15.72 -9.23
CA GLY A 525 19.81 16.72 -9.25
C GLY A 525 19.33 18.10 -8.79
N VAL A 526 18.03 18.31 -8.86
CA VAL A 526 17.44 19.54 -8.35
C VAL A 526 17.31 19.43 -6.85
N GLU A 527 17.75 20.44 -6.11
CA GLU A 527 17.56 20.41 -4.68
C GLU A 527 17.42 21.81 -4.08
N ALA A 528 16.96 21.83 -2.83
CA ALA A 528 16.83 23.06 -2.07
C ALA A 528 17.48 22.86 -0.72
N VAL A 529 18.41 23.75 -0.40
CA VAL A 529 19.20 23.61 0.82
C VAL A 529 18.72 24.59 1.88
N VAL A 530 18.40 24.06 3.06
CA VAL A 530 17.85 24.86 4.15
C VAL A 530 18.75 24.76 5.38
N LYS A 531 19.12 25.90 5.95
CA LYS A 531 19.95 25.91 7.14
C LYS A 531 19.11 26.17 8.38
N VAL A 532 19.35 25.39 9.43
CA VAL A 532 18.62 25.55 10.68
C VAL A 532 19.58 25.90 11.80
N LYS A 533 19.41 27.08 12.38
CA LYS A 533 20.27 27.52 13.48
C LYS A 533 19.64 27.18 14.83
N ILE A 534 20.45 26.66 15.74
CA ILE A 534 19.97 26.24 17.04
C ILE A 534 20.50 27.17 18.13
N THR A 535 19.59 27.73 18.92
CA THR A 535 19.98 28.58 20.03
C THR A 535 19.70 27.89 21.36
#